data_6S1W
#
_entry.id   6S1W
#
_cell.length_a   49.987
_cell.length_b   29.571
_cell.length_c   85.200
_cell.angle_alpha   90.00
_cell.angle_beta   102.52
_cell.angle_gamma   90.00
#
_symmetry.space_group_name_H-M   'P 1 21 1'
#
loop_
_entity.id
_entity.type
_entity.pdbx_description
1 polymer 'Gag-Pro-Pol polyprotein'
2 water water
#
_entity_poly.entity_id   1
_entity_poly.type   'polypeptide(L)'
_entity_poly.pdbx_seq_one_letter_code
;WVQPITCQKPSLTLWLDDKMFTGLINTGADVTIIKLEDWPPNWPITDTLTNLRGIGQSNNPKQSSKYLTWRDKENNSGLI
KPFVIPNLPVNLWGRDLLSQMKIMMCSPNDIVTA
;
_entity_poly.pdbx_strand_id   B,A
#
# COMPACT_ATOMS: atom_id res chain seq x y z
N TRP A 1 3.71 15.49 -12.52
CA TRP A 1 3.13 15.88 -11.19
C TRP A 1 3.94 15.33 -10.00
N VAL A 2 3.70 15.93 -8.83
CA VAL A 2 4.34 15.59 -7.52
C VAL A 2 3.24 15.45 -6.45
N GLN A 3 3.45 14.47 -5.58
CA GLN A 3 2.57 14.21 -4.42
C GLN A 3 3.42 13.72 -3.26
N PRO A 4 3.57 14.53 -2.19
CA PRO A 4 4.32 14.07 -1.02
C PRO A 4 3.45 13.02 -0.33
N ILE A 5 4.09 12.06 0.34
CA ILE A 5 3.40 11.15 1.27
C ILE A 5 3.25 11.87 2.62
N THR A 6 1.99 12.02 3.07
CA THR A 6 1.60 12.74 4.29
C THR A 6 0.66 11.81 5.05
N CYS A 7 0.17 12.29 6.18
CA CYS A 7 -0.84 11.51 6.93
C CYS A 7 -2.10 11.47 6.06
N GLN A 8 -2.21 12.37 5.10
CA GLN A 8 -3.48 12.44 4.31
C GLN A 8 -3.54 11.27 3.31
N LYS A 9 -4.74 10.90 2.85
CA LYS A 9 -4.92 9.81 1.85
C LYS A 9 -4.24 10.18 0.52
N PRO A 10 -3.24 9.40 0.04
CA PRO A 10 -2.65 9.66 -1.28
C PRO A 10 -3.55 9.14 -2.42
N SER A 11 -4.16 10.04 -3.13
CA SER A 11 -5.28 9.69 -4.05
C SER A 11 -4.92 9.98 -5.51
N LEU A 12 -5.45 9.20 -6.41
CA LEU A 12 -5.40 9.51 -7.87
C LEU A 12 -6.80 9.43 -8.40
N THR A 13 -7.13 10.33 -9.31
CA THR A 13 -8.38 10.31 -10.08
C THR A 13 -8.03 9.98 -11.53
N LEU A 14 -8.72 9.01 -12.10
CA LEU A 14 -8.46 8.61 -13.50
C LEU A 14 -9.65 7.87 -14.12
N TRP A 15 -9.58 7.57 -15.43
CA TRP A 15 -10.68 6.82 -16.08
C TRP A 15 -10.28 5.38 -16.33
N LEU A 16 -11.26 4.51 -16.22
CA LEU A 16 -11.17 3.10 -16.64
C LEU A 16 -12.30 2.98 -17.64
N ASP A 17 -11.94 2.65 -18.86
CA ASP A 17 -12.86 2.67 -20.03
C ASP A 17 -13.54 4.03 -19.96
N ASP A 18 -14.83 4.11 -19.89
CA ASP A 18 -15.36 5.49 -20.07
C ASP A 18 -15.66 6.16 -18.72
N LYS A 19 -15.37 5.55 -17.57
CA LYS A 19 -15.81 6.09 -16.28
C LYS A 19 -14.63 6.64 -15.48
N MET A 20 -14.87 7.71 -14.72
CA MET A 20 -13.91 8.29 -13.78
C MET A 20 -13.99 7.51 -12.46
N PHE A 21 -12.86 7.21 -11.85
CA PHE A 21 -12.72 6.59 -10.50
C PHE A 21 -11.68 7.42 -9.75
N THR A 22 -11.96 7.64 -8.46
CA THR A 22 -10.94 8.10 -7.51
C THR A 22 -10.57 6.95 -6.60
N GLY A 23 -9.32 6.92 -6.18
CA GLY A 23 -8.92 5.94 -5.17
C GLY A 23 -7.56 6.17 -4.62
N LEU A 24 -7.18 5.25 -3.74
CA LEU A 24 -6.01 5.39 -2.84
C LEU A 24 -4.83 4.72 -3.55
N ILE A 25 -3.74 5.45 -3.71
CA ILE A 25 -2.45 4.85 -4.11
C ILE A 25 -2.03 3.79 -3.08
N ASN A 26 -1.85 2.54 -3.53
CA ASN A 26 -1.74 1.34 -2.67
C ASN A 26 -0.52 0.53 -3.12
N THR A 27 0.66 1.05 -2.83
CA THR A 27 1.94 0.37 -3.17
C THR A 27 2.06 -1.03 -2.57
N GLY A 28 1.31 -1.39 -1.55
CA GLY A 28 1.41 -2.70 -0.90
C GLY A 28 0.80 -3.83 -1.71
N ALA A 29 0.03 -3.55 -2.76
CA ALA A 29 -0.63 -4.62 -3.53
C ALA A 29 -0.08 -4.62 -4.96
N ASP A 30 -0.04 -5.78 -5.60
CA ASP A 30 0.38 -5.89 -7.01
C ASP A 30 -0.86 -5.85 -7.89
N VAL A 31 -2.07 -5.92 -7.35
CA VAL A 31 -3.31 -5.79 -8.16
C VAL A 31 -4.14 -4.61 -7.66
N THR A 32 -4.97 -4.09 -8.54
CA THR A 32 -5.88 -2.97 -8.32
C THR A 32 -7.22 -3.56 -7.88
N ILE A 33 -7.93 -2.86 -6.99
CA ILE A 33 -9.23 -3.32 -6.45
C ILE A 33 -10.19 -2.17 -6.57
N ILE A 34 -11.35 -2.45 -7.18
CA ILE A 34 -12.45 -1.46 -7.31
C ILE A 34 -13.52 -1.88 -6.32
N LYS A 35 -14.06 -0.92 -5.55
CA LYS A 35 -15.19 -1.23 -4.66
C LYS A 35 -16.40 -1.62 -5.55
N LEU A 36 -17.09 -2.71 -5.18
CA LEU A 36 -18.19 -3.26 -6.00
C LEU A 36 -19.28 -2.22 -6.24
N GLU A 37 -19.58 -1.37 -5.28
CA GLU A 37 -20.62 -0.34 -5.39
C GLU A 37 -20.27 0.66 -6.50
N ASP A 38 -19.00 0.77 -6.91
CA ASP A 38 -18.54 1.74 -7.95
C ASP A 38 -18.39 1.04 -9.29
N TRP A 39 -18.64 -0.26 -9.31
CA TRP A 39 -18.45 -1.09 -10.51
C TRP A 39 -19.64 -0.92 -11.43
N PRO A 40 -19.48 -0.43 -12.68
CA PRO A 40 -20.61 -0.34 -13.61
C PRO A 40 -21.20 -1.73 -13.81
N PRO A 41 -22.49 -1.93 -13.50
CA PRO A 41 -23.04 -3.28 -13.46
C PRO A 41 -23.17 -3.96 -14.83
N ASN A 42 -23.12 -3.21 -15.91
CA ASN A 42 -23.09 -3.76 -17.30
CA ASN A 42 -23.11 -3.81 -17.27
C ASN A 42 -21.71 -4.33 -17.60
N TRP A 43 -20.69 -4.01 -16.82
CA TRP A 43 -19.30 -4.48 -17.09
C TRP A 43 -19.16 -5.89 -16.56
N PRO A 44 -18.77 -6.90 -17.39
CA PRO A 44 -18.75 -8.29 -16.93
C PRO A 44 -17.60 -8.61 -15.95
N ILE A 45 -17.93 -9.48 -15.00
CA ILE A 45 -16.99 -10.01 -13.97
C ILE A 45 -16.91 -11.54 -14.09
N THR A 46 -15.86 -12.12 -13.52
CA THR A 46 -15.62 -13.55 -13.38
C THR A 46 -15.36 -13.77 -11.91
N ASP A 47 -15.97 -14.80 -11.34
CA ASP A 47 -15.61 -15.25 -9.98
C ASP A 47 -14.20 -15.83 -10.06
N THR A 48 -13.35 -15.58 -9.09
CA THR A 48 -12.01 -16.21 -8.98
C THR A 48 -11.85 -16.82 -7.60
N LEU A 49 -10.92 -17.74 -7.50
CA LEU A 49 -10.31 -18.17 -6.22
C LEU A 49 -8.94 -17.54 -6.07
N THR A 50 -8.76 -16.29 -6.47
CA THR A 50 -7.45 -15.60 -6.31
C THR A 50 -7.28 -15.23 -4.84
N ASN A 51 -6.27 -15.82 -4.20
CA ASN A 51 -5.97 -15.57 -2.76
C ASN A 51 -5.34 -14.18 -2.63
N LEU A 52 -6.07 -13.22 -2.06
CA LEU A 52 -5.57 -11.87 -1.75
C LEU A 52 -5.55 -11.69 -0.23
N ARG A 53 -5.68 -12.78 0.53
CA ARG A 53 -5.66 -12.76 2.02
C ARG A 53 -4.37 -12.04 2.49
N GLY A 54 -3.23 -12.28 1.82
CA GLY A 54 -1.90 -11.70 2.15
C GLY A 54 -1.82 -10.17 2.06
N ILE A 55 -2.55 -9.54 1.11
CA ILE A 55 -2.72 -8.06 1.01
C ILE A 55 -4.04 -7.64 1.70
N GLY A 56 -4.52 -8.47 2.65
CA GLY A 56 -5.61 -8.18 3.59
C GLY A 56 -6.98 -8.12 2.94
N GLN A 57 -7.23 -8.99 1.95
CA GLN A 57 -8.50 -9.05 1.19
C GLN A 57 -9.00 -10.51 1.18
N SER A 58 -9.97 -10.83 0.33
CA SER A 58 -10.64 -12.16 0.22
C SER A 58 -9.80 -13.16 -0.58
N ASN A 59 -10.21 -14.43 -0.44
CA ASN A 59 -9.68 -15.63 -1.12
C ASN A 59 -10.59 -16.02 -2.30
N ASN A 60 -11.65 -15.22 -2.57
CA ASN A 60 -12.63 -15.49 -3.67
C ASN A 60 -13.14 -14.19 -4.27
N PRO A 61 -12.25 -13.24 -4.64
CA PRO A 61 -12.72 -11.97 -5.19
C PRO A 61 -13.23 -12.14 -6.64
N LYS A 62 -14.20 -11.33 -7.04
CA LYS A 62 -14.60 -11.17 -8.46
C LYS A 62 -13.49 -10.40 -9.17
N GLN A 63 -13.34 -10.63 -10.45
CA GLN A 63 -12.37 -9.86 -11.26
C GLN A 63 -13.05 -9.42 -12.56
N SER A 64 -12.71 -8.26 -13.02
CA SER A 64 -13.12 -7.79 -14.38
C SER A 64 -12.85 -8.92 -15.37
N SER A 65 -13.85 -9.31 -16.17
CA SER A 65 -13.65 -10.30 -17.25
C SER A 65 -12.75 -9.71 -18.32
N LYS A 66 -12.85 -8.45 -18.60
CA LYS A 66 -12.02 -7.80 -19.66
C LYS A 66 -10.95 -6.91 -19.03
N TYR A 67 -9.88 -6.74 -19.78
CA TYR A 67 -8.95 -5.62 -19.55
C TYR A 67 -9.66 -4.31 -19.72
N LEU A 68 -9.37 -3.33 -18.86
CA LEU A 68 -9.93 -1.98 -18.95
C LEU A 68 -8.77 -1.06 -19.36
N THR A 69 -9.07 -0.09 -20.21
CA THR A 69 -8.13 0.98 -20.57
C THR A 69 -8.17 2.03 -19.47
N TRP A 70 -7.05 2.24 -18.81
CA TRP A 70 -6.93 3.32 -17.83
C TRP A 70 -6.39 4.52 -18.61
N ARG A 71 -6.84 5.72 -18.26
CA ARG A 71 -6.26 6.98 -18.81
C ARG A 71 -6.17 8.01 -17.69
N ASP A 72 -5.06 8.72 -17.61
CA ASP A 72 -4.93 9.80 -16.60
C ASP A 72 -5.24 11.13 -17.29
N LYS A 73 -5.22 12.21 -16.59
CA LYS A 73 -5.65 13.54 -17.10
C LYS A 73 -4.54 14.13 -17.98
N GLU A 74 -3.40 13.48 -18.08
CA GLU A 74 -2.40 13.86 -19.11
C GLU A 74 -2.51 12.94 -20.33
N ASN A 75 -3.52 12.06 -20.34
CA ASN A 75 -3.76 11.18 -21.50
C ASN A 75 -2.65 10.13 -21.70
N ASN A 76 -1.91 9.76 -20.69
CA ASN A 76 -1.19 8.47 -20.61
C ASN A 76 -2.26 7.40 -20.43
N SER A 77 -2.00 6.22 -20.92
CA SER A 77 -2.98 5.11 -20.87
C SER A 77 -2.27 3.77 -20.83
N GLY A 78 -3.03 2.73 -20.48
CA GLY A 78 -2.54 1.37 -20.47
C GLY A 78 -3.69 0.47 -20.15
N LEU A 79 -3.43 -0.74 -19.68
CA LEU A 79 -4.46 -1.79 -19.47
C LEU A 79 -4.31 -2.39 -18.08
N ILE A 80 -5.36 -2.58 -17.32
CA ILE A 80 -5.29 -3.38 -16.07
C ILE A 80 -6.52 -4.26 -16.01
N LYS A 81 -6.51 -5.23 -15.11
CA LYS A 81 -7.69 -6.12 -14.95
C LYS A 81 -7.93 -6.19 -13.45
N PRO A 82 -8.70 -5.24 -12.90
CA PRO A 82 -8.82 -5.09 -11.48
C PRO A 82 -9.77 -6.15 -10.91
N PHE A 83 -9.60 -6.42 -9.62
CA PHE A 83 -10.55 -7.17 -8.76
C PHE A 83 -11.63 -6.19 -8.30
N VAL A 84 -12.80 -6.76 -7.99
CA VAL A 84 -14.05 -6.01 -7.69
C VAL A 84 -14.56 -6.61 -6.41
N ILE A 85 -14.56 -5.83 -5.33
CA ILE A 85 -14.75 -6.41 -3.97
C ILE A 85 -15.76 -5.55 -3.21
N PRO A 86 -16.78 -6.17 -2.61
CA PRO A 86 -17.78 -5.43 -1.85
C PRO A 86 -17.24 -4.89 -0.53
N ASN A 87 -17.85 -3.80 -0.10
CA ASN A 87 -17.79 -3.26 1.28
C ASN A 87 -16.37 -2.81 1.66
N LEU A 88 -15.60 -2.29 0.70
CA LEU A 88 -14.32 -1.59 0.97
C LEU A 88 -14.57 -0.09 0.94
N PRO A 89 -13.88 0.68 1.77
CA PRO A 89 -14.19 2.10 1.81
C PRO A 89 -13.69 2.86 0.56
N VAL A 90 -12.65 2.40 -0.10
CA VAL A 90 -12.05 3.18 -1.23
C VAL A 90 -11.50 2.21 -2.28
N ASN A 91 -11.47 2.68 -3.52
CA ASN A 91 -10.75 2.01 -4.60
C ASN A 91 -9.27 2.04 -4.25
N LEU A 92 -8.53 0.99 -4.65
CA LEU A 92 -7.11 0.78 -4.27
C LEU A 92 -6.31 0.54 -5.55
N TRP A 93 -5.52 1.55 -5.91
CA TRP A 93 -4.63 1.50 -7.07
C TRP A 93 -3.36 0.74 -6.68
N GLY A 94 -3.17 -0.44 -7.29
CA GLY A 94 -2.08 -1.38 -7.05
C GLY A 94 -0.89 -1.07 -7.95
N ARG A 95 0.18 -1.80 -7.79
CA ARG A 95 1.39 -1.59 -8.61
C ARG A 95 1.15 -2.00 -10.07
N ASP A 96 0.19 -2.88 -10.39
CA ASP A 96 -0.19 -3.19 -11.81
C ASP A 96 -0.40 -1.86 -12.51
N LEU A 97 -1.18 -0.97 -11.93
CA LEU A 97 -1.43 0.37 -12.49
C LEU A 97 -0.24 1.30 -12.22
N LEU A 98 0.22 1.43 -10.95
CA LEU A 98 1.27 2.45 -10.64
C LEU A 98 2.51 2.22 -11.50
N SER A 99 2.89 0.97 -11.79
CA SER A 99 4.12 0.64 -12.58
C SER A 99 3.94 1.12 -14.03
N GLN A 100 2.73 1.13 -14.56
CA GLN A 100 2.47 1.65 -15.94
C GLN A 100 2.51 3.18 -15.97
N MET A 101 2.38 3.86 -14.83
CA MET A 101 2.43 5.34 -14.75
C MET A 101 3.87 5.85 -14.54
N LYS A 102 4.85 4.96 -14.51
CA LYS A 102 6.27 5.31 -14.32
C LYS A 102 6.45 6.11 -13.02
N ILE A 103 5.71 5.75 -11.97
CA ILE A 103 5.84 6.47 -10.65
C ILE A 103 7.12 6.01 -9.94
N MET A 104 7.91 7.01 -9.52
CA MET A 104 9.15 6.92 -8.70
C MET A 104 8.83 7.48 -7.31
N MET A 105 9.31 6.82 -6.27
CA MET A 105 9.35 7.36 -4.90
C MET A 105 10.74 7.93 -4.69
N CYS A 106 10.81 9.14 -4.12
CA CYS A 106 12.06 9.95 -3.90
C CYS A 106 12.11 10.45 -2.47
N SER A 107 13.33 10.62 -1.95
CA SER A 107 13.62 11.26 -0.65
C SER A 107 14.57 12.44 -0.86
N PRO A 108 14.44 13.56 -0.11
CA PRO A 108 15.47 14.62 -0.16
C PRO A 108 16.82 14.15 0.37
N TRP B 1 17.63 8.90 -1.92
CA TRP B 1 17.46 7.67 -2.78
C TRP B 1 16.21 7.75 -3.67
N VAL B 2 16.19 6.88 -4.68
CA VAL B 2 15.07 6.70 -5.67
C VAL B 2 14.73 5.21 -5.78
N GLN B 3 13.44 4.94 -5.91
CA GLN B 3 12.89 3.59 -6.13
C GLN B 3 11.70 3.73 -7.09
N PRO B 4 11.81 3.20 -8.32
CA PRO B 4 10.64 3.09 -9.18
C PRO B 4 9.63 2.13 -8.54
N ILE B 5 8.36 2.41 -8.78
CA ILE B 5 7.28 1.43 -8.50
C ILE B 5 7.19 0.51 -9.72
N THR B 6 7.42 -0.78 -9.48
CA THR B 6 7.44 -1.86 -10.49
C THR B 6 6.52 -2.95 -9.93
N CYS B 7 6.43 -4.05 -10.66
CA CYS B 7 5.67 -5.19 -10.18
C CYS B 7 6.44 -5.73 -8.98
N GLN B 8 7.71 -5.37 -8.82
CA GLN B 8 8.48 -5.95 -7.66
C GLN B 8 8.00 -5.34 -6.34
N LYS B 9 8.25 -6.05 -5.24
CA LYS B 9 7.92 -5.59 -3.86
C LYS B 9 8.70 -4.31 -3.53
N PRO B 10 8.05 -3.16 -3.26
CA PRO B 10 8.76 -1.95 -2.85
C PRO B 10 9.14 -2.00 -1.37
N SER B 11 10.40 -2.14 -1.11
CA SER B 11 10.93 -2.51 0.22
C SER B 11 11.73 -1.38 0.86
N LEU B 12 11.64 -1.29 2.18
CA LEU B 12 12.61 -0.51 2.98
C LEU B 12 13.15 -1.40 4.07
N THR B 13 14.43 -1.22 4.38
CA THR B 13 15.10 -1.90 5.53
C THR B 13 15.55 -0.81 6.47
N LEU B 14 15.21 -0.95 7.74
CA LEU B 14 15.58 0.09 8.73
C LEU B 14 15.51 -0.43 10.16
N TRP B 15 15.91 0.39 11.14
CA TRP B 15 15.87 -0.10 12.55
C TRP B 15 14.69 0.52 13.30
N LEU B 16 14.13 -0.28 14.20
CA LEU B 16 13.15 0.18 15.18
C LEU B 16 13.79 -0.17 16.52
N ASP B 17 14.15 0.84 17.32
N ASP B 17 14.21 0.87 17.25
CA ASP B 17 14.77 0.65 18.65
CA ASP B 17 15.06 0.75 18.47
C ASP B 17 15.95 -0.30 18.52
C ASP B 17 16.38 0.11 18.03
N ASP B 18 16.75 -0.10 17.48
N ASP B 18 16.74 -1.07 18.53
CA ASP B 18 18.10 -0.72 17.34
CA ASP B 18 18.08 -1.62 18.20
C ASP B 18 17.99 -2.20 16.94
C ASP B 18 17.96 -2.55 16.99
N LYS B 19 16.85 -2.63 16.41
N LYS B 19 16.76 -3.03 16.67
CA LYS B 19 16.71 -3.93 15.72
CA LYS B 19 16.60 -4.17 15.74
C LYS B 19 16.32 -3.67 14.26
C LYS B 19 16.31 -3.71 14.30
N MET B 20 16.88 -4.44 13.34
CA MET B 20 16.63 -4.25 11.89
CA MET B 20 16.65 -4.27 11.88
C MET B 20 15.33 -4.96 11.49
N PHE B 21 14.50 -4.27 10.72
CA PHE B 21 13.27 -4.82 10.09
C PHE B 21 13.30 -4.45 8.61
N THR B 22 12.85 -5.39 7.79
CA THR B 22 12.57 -5.14 6.37
C THR B 22 11.08 -5.24 6.20
N GLY B 23 10.56 -4.43 5.29
CA GLY B 23 9.14 -4.59 4.91
C GLY B 23 8.76 -3.82 3.69
N LEU B 24 7.47 -3.86 3.45
CA LEU B 24 6.85 -3.41 2.19
C LEU B 24 6.37 -1.98 2.42
N ILE B 25 6.79 -1.06 1.56
CA ILE B 25 6.22 0.31 1.54
C ILE B 25 4.73 0.21 1.23
N ASN B 26 3.90 0.71 2.13
CA ASN B 26 2.43 0.46 2.17
C ASN B 26 1.69 1.79 2.25
N THR B 27 1.70 2.53 1.15
CA THR B 27 1.06 3.86 1.07
C THR B 27 -0.42 3.83 1.42
N GLY B 28 -1.10 2.71 1.34
CA GLY B 28 -2.55 2.68 1.59
C GLY B 28 -2.90 2.68 3.07
N ALA B 29 -1.97 2.52 3.96
CA ALA B 29 -2.29 2.49 5.44
C ALA B 29 -1.73 3.73 6.14
N ASP B 30 -2.41 4.15 7.19
CA ASP B 30 -2.05 5.30 8.05
C ASP B 30 -0.92 4.83 8.99
N VAL B 31 -1.02 3.60 9.47
CA VAL B 31 -0.16 3.07 10.55
C VAL B 31 0.64 1.90 10.00
N THR B 32 1.79 1.66 10.62
CA THR B 32 2.75 0.59 10.33
C THR B 32 2.30 -0.68 11.03
N ILE B 33 2.53 -1.83 10.37
CA ILE B 33 2.13 -3.17 10.89
C ILE B 33 3.39 -4.00 10.88
N ILE B 34 3.74 -4.51 12.06
CA ILE B 34 4.90 -5.43 12.23
C ILE B 34 4.29 -6.81 12.47
N LYS B 35 4.82 -7.82 11.81
CA LYS B 35 4.39 -9.22 12.02
C LYS B 35 4.68 -9.61 13.48
N LEU B 36 3.74 -10.25 14.15
CA LEU B 36 3.92 -10.73 15.55
C LEU B 36 5.10 -11.70 15.59
N GLU B 37 5.29 -12.52 14.57
CA GLU B 37 6.39 -13.50 14.47
C GLU B 37 7.73 -12.76 14.46
N ASP B 38 7.80 -11.48 14.07
CA ASP B 38 9.05 -10.68 13.99
C ASP B 38 9.20 -9.78 15.21
N TRP B 39 8.20 -9.79 16.07
CA TRP B 39 8.12 -8.84 17.20
C TRP B 39 8.97 -9.35 18.35
N PRO B 40 10.00 -8.61 18.81
CA PRO B 40 10.81 -9.05 19.96
C PRO B 40 9.90 -9.25 21.18
N PRO B 41 9.86 -10.47 21.76
CA PRO B 41 8.84 -10.78 22.77
C PRO B 41 9.03 -10.04 24.11
N ASN B 42 10.22 -9.50 24.36
CA ASN B 42 10.47 -8.64 25.54
C ASN B 42 9.85 -7.26 25.33
N TRP B 43 9.49 -6.88 24.11
CA TRP B 43 8.90 -5.54 23.81
C TRP B 43 7.42 -5.57 24.13
N PRO B 44 6.89 -4.70 25.01
CA PRO B 44 5.50 -4.80 25.43
C PRO B 44 4.49 -4.34 24.35
N ILE B 45 3.36 -5.05 24.27
CA ILE B 45 2.20 -4.80 23.36
C ILE B 45 0.93 -4.73 24.21
N THR B 46 -0.13 -4.11 23.66
CA THR B 46 -1.44 -3.85 24.32
C THR B 46 -2.54 -4.02 23.29
N ASP B 47 -3.74 -4.45 23.65
CA ASP B 47 -4.86 -4.47 22.67
C ASP B 47 -5.39 -3.05 22.48
N THR B 48 -6.24 -2.88 21.46
CA THR B 48 -6.85 -1.59 21.01
C THR B 48 -8.36 -1.77 20.72
N ASN B 60 -9.94 -6.61 18.14
CA ASN B 60 -9.13 -5.55 17.48
C ASN B 60 -7.64 -5.80 17.73
N PRO B 61 -6.74 -5.22 16.93
CA PRO B 61 -5.36 -5.68 16.89
C PRO B 61 -4.49 -5.18 18.06
N LYS B 62 -3.40 -5.89 18.34
CA LYS B 62 -2.38 -5.49 19.33
C LYS B 62 -1.57 -4.30 18.78
N GLN B 63 -1.01 -3.51 19.67
CA GLN B 63 -0.16 -2.36 19.29
C GLN B 63 1.01 -2.28 20.28
N SER B 64 2.17 -1.89 19.79
CA SER B 64 3.34 -1.54 20.63
C SER B 64 2.85 -0.66 21.78
N SER B 65 3.15 -1.00 23.00
CA SER B 65 2.85 -0.13 24.17
C SER B 65 3.71 1.14 24.10
N LYS B 66 4.92 1.02 23.64
CA LYS B 66 5.91 2.14 23.64
C LYS B 66 6.08 2.64 22.21
N TYR B 67 6.35 3.91 22.06
CA TYR B 67 6.81 4.46 20.78
C TYR B 67 8.19 3.88 20.49
N LEU B 68 8.45 3.57 19.22
CA LEU B 68 9.74 3.05 18.78
C LEU B 68 10.46 4.13 17.98
N THR B 69 11.75 4.26 18.19
CA THR B 69 12.61 5.11 17.36
C THR B 69 12.93 4.32 16.09
N TRP B 70 12.56 4.88 14.95
CA TRP B 70 12.96 4.34 13.66
C TRP B 70 14.22 5.09 13.27
N ARG B 71 15.12 4.41 12.58
CA ARG B 71 16.33 5.04 12.02
C ARG B 71 16.60 4.40 10.66
N ASP B 72 16.95 5.20 9.65
CA ASP B 72 17.24 4.63 8.32
C ASP B 72 18.75 4.60 8.21
N LYS B 73 19.28 4.08 7.11
CA LYS B 73 20.73 3.88 6.93
C LYS B 73 21.42 5.22 6.72
N GLU B 74 20.67 6.30 6.55
CA GLU B 74 21.27 7.65 6.49
C GLU B 74 21.16 8.31 7.85
N ASN B 75 20.71 7.57 8.87
CA ASN B 75 20.62 8.09 10.25
C ASN B 75 19.57 9.20 10.38
N ASN B 76 18.57 9.29 9.50
CA ASN B 76 17.34 10.07 9.77
C ASN B 76 16.59 9.22 10.80
N SER B 77 15.80 9.82 11.64
CA SER B 77 15.06 9.10 12.70
C SER B 77 13.77 9.82 13.03
N GLY B 78 12.91 9.13 13.74
CA GLY B 78 11.69 9.70 14.27
C GLY B 78 11.02 8.62 15.09
N LEU B 79 9.71 8.71 15.30
CA LEU B 79 8.95 7.83 16.22
C LEU B 79 7.75 7.24 15.49
N ILE B 80 7.42 5.98 15.69
CA ILE B 80 6.13 5.42 15.25
C ILE B 80 5.62 4.50 16.34
N LYS B 81 4.34 4.15 16.29
CA LYS B 81 3.79 3.19 17.26
C LYS B 81 2.99 2.18 16.43
N PRO B 82 3.65 1.09 16.00
CA PRO B 82 3.07 0.19 15.02
C PRO B 82 2.09 -0.77 15.68
N PHE B 83 1.16 -1.29 14.88
CA PHE B 83 0.35 -2.48 15.23
C PHE B 83 1.19 -3.74 15.01
N VAL B 84 0.85 -4.77 15.77
CA VAL B 84 1.56 -6.07 15.81
C VAL B 84 0.50 -7.15 15.57
N ILE B 85 0.61 -7.87 14.47
CA ILE B 85 -0.48 -8.70 13.92
C ILE B 85 0.12 -10.03 13.49
N PRO B 86 -0.47 -11.19 13.88
CA PRO B 86 -0.06 -12.49 13.36
C PRO B 86 -0.47 -12.77 11.90
N ASN B 87 0.13 -13.79 11.28
CA ASN B 87 -0.39 -14.45 10.04
C ASN B 87 -0.25 -13.61 8.77
N LEU B 88 0.56 -12.55 8.71
CA LEU B 88 0.75 -11.75 7.46
C LEU B 88 2.10 -12.11 6.85
N PRO B 89 2.28 -11.98 5.53
CA PRO B 89 3.56 -12.33 4.95
C PRO B 89 4.68 -11.34 5.25
N VAL B 90 4.40 -10.04 5.42
CA VAL B 90 5.52 -9.04 5.51
C VAL B 90 5.13 -7.90 6.45
N ASN B 91 6.18 -7.26 6.98
CA ASN B 91 6.01 -5.94 7.67
C ASN B 91 5.53 -4.94 6.61
N LEU B 92 4.75 -3.96 7.04
CA LEU B 92 4.02 -2.99 6.20
C LEU B 92 4.30 -1.61 6.77
N TRP B 93 5.15 -0.86 6.06
CA TRP B 93 5.51 0.52 6.42
C TRP B 93 4.39 1.44 5.95
N GLY B 94 3.70 2.09 6.89
CA GLY B 94 2.54 2.95 6.64
C GLY B 94 2.95 4.38 6.43
N ARG B 95 2.00 5.26 6.24
CA ARG B 95 2.33 6.69 6.02
C ARG B 95 2.86 7.34 7.31
N ASP B 96 2.59 6.79 8.49
CA ASP B 96 3.17 7.30 9.77
C ASP B 96 4.68 7.37 9.61
N LEU B 97 5.27 6.31 9.10
CA LEU B 97 6.72 6.29 8.84
C LEU B 97 7.03 7.04 7.54
N LEU B 98 6.34 6.75 6.42
CA LEU B 98 6.79 7.31 5.13
C LEU B 98 6.77 8.83 5.19
N SER B 99 5.79 9.42 5.88
CA SER B 99 5.60 10.90 5.91
C SER B 99 6.76 11.53 6.70
N GLN B 100 7.29 10.84 7.70
CA GLN B 100 8.47 11.28 8.46
C GLN B 100 9.76 11.19 7.64
N MET B 101 9.82 10.38 6.58
CA MET B 101 11.00 10.26 5.68
C MET B 101 10.93 11.26 4.53
N LYS B 102 9.94 12.12 4.50
CA LYS B 102 9.80 13.18 3.45
C LYS B 102 9.74 12.55 2.06
N ILE B 103 9.15 11.36 1.91
CA ILE B 103 9.06 10.67 0.60
C ILE B 103 7.98 11.33 -0.27
N MET B 104 8.38 11.64 -1.51
CA MET B 104 7.57 12.19 -2.63
C MET B 104 7.36 11.10 -3.67
N MET B 105 6.15 11.03 -4.22
CA MET B 105 5.86 10.27 -5.46
C MET B 105 5.91 11.26 -6.62
N CYS B 106 6.58 10.87 -7.71
CA CYS B 106 6.83 11.69 -8.94
C CYS B 106 6.56 10.86 -10.17
N SER B 107 6.12 11.51 -11.25
CA SER B 107 6.00 10.88 -12.58
C SER B 107 6.82 11.68 -13.60
N PRO B 108 7.51 11.02 -14.56
CA PRO B 108 8.13 11.74 -15.68
C PRO B 108 7.10 12.43 -16.58
#